data_1C4A
#
_entry.id   1C4A
#
_cell.length_a   133.700
_cell.length_b   84.000
_cell.length_c   55.700
_cell.angle_alpha   90.00
_cell.angle_beta   90.00
_cell.angle_gamma   90.00
#
_symmetry.space_group_name_H-M   'P 21 21 2'
#
loop_
_entity.id
_entity.type
_entity.pdbx_description
1 polymer 'PROTEIN (FE-ONLY HYDROGENASE)'
2 non-polymer '2 IRON/2 SULFUR/5 CARBONYL/2 WATER INORGANIC CLUSTER'
3 non-polymer 'IRON/SULFUR CLUSTER'
4 non-polymer 'FE2/S2 (INORGANIC) CLUSTER'
5 water water
#
_entity_poly.entity_id   1
_entity_poly.type   'polypeptide(L)'
_entity_poly.pdbx_seq_one_letter_code
;MKTIIINGVQFNTDEDTTILKFARDNNIDISALCFLNNCNNDINKCEICTVEVEGTGLVTACDTLIEDGMIINTNSDAVN
EKIKSRISQLLDIHEFKCGPCNRRENCEFLKLVIKYKARASKPFLPKDKTEYVDERSKSLTVDRTKCLLCGRCVNACGKN
TETYAMKFLNKNGKTIIGAEDEKCFDDTNCLLCGQCIIACPVAALSEKSHMDRVKNALNAPEKHVIVAMAPSVRASIGEL
FNMGFGVDVTGKIYTALRQLGFDKIFDINFGADMTIMEEATELVQRIENNGPFPMFTSCCPGWVRQAENYYPELLNNLSS
AKSPQQIFGTASKTYYPSISGLDPKNVFTVTVMPCTSKKFEADRPQMEKDGLRDIDAVITTRELAKMIKDAKIPFAKLED
SEADPAMGEYSGAGAIFGATGGVMEAALRSAKDFAENAELEDIEYKQVRGLNGIKEAEVEINNNKYNVAVINGASNLFKF
MKSGMINEKQYHFIEVMACHGGCVNGGGQPHVNPKDLEKVDIKKVRASVLYNQDEHLSKRKSHENTALVKMYQNYFGKPG
EGRAHEILHFKYKK
;
_entity_poly.pdbx_strand_id   A
#
loop_
_chem_comp.id
_chem_comp.type
_chem_comp.name
_chem_comp.formula
FES non-polymer 'FE2/S2 (INORGANIC) CLUSTER' 'Fe2 S2'
HC1 non-polymer '2 IRON/2 SULFUR/5 CARBONYL/2 WATER INORGANIC CLUSTER' 'C5 H8 Fe2 O7 S2'
SF4 non-polymer 'IRON/SULFUR CLUSTER' 'Fe4 S4'
#
# COMPACT_ATOMS: atom_id res chain seq x y z
N MET A 1 -26.83 -27.35 -19.65
CA MET A 1 -26.63 -27.15 -18.22
C MET A 1 -25.85 -28.33 -17.64
N LYS A 2 -24.85 -28.05 -16.80
CA LYS A 2 -24.04 -29.05 -16.09
C LYS A 2 -24.62 -29.38 -14.73
N THR A 3 -24.76 -30.66 -14.39
CA THR A 3 -25.24 -31.03 -13.07
C THR A 3 -24.16 -31.66 -12.21
N ILE A 4 -23.86 -31.00 -11.09
CA ILE A 4 -22.87 -31.52 -10.15
C ILE A 4 -23.48 -31.63 -8.77
N ILE A 5 -23.04 -32.69 -8.09
CA ILE A 5 -23.48 -33.01 -6.75
C ILE A 5 -22.27 -32.99 -5.81
N ILE A 6 -22.16 -31.92 -5.01
CA ILE A 6 -21.08 -31.80 -4.04
C ILE A 6 -21.64 -32.19 -2.69
N ASN A 7 -21.10 -33.32 -2.19
CA ASN A 7 -21.42 -33.94 -0.90
C ASN A 7 -22.91 -34.22 -0.70
N GLY A 8 -23.47 -35.05 -1.59
CA GLY A 8 -24.88 -35.44 -1.57
C GLY A 8 -25.87 -34.33 -1.92
N VAL A 9 -25.37 -33.13 -2.20
CA VAL A 9 -26.17 -31.95 -2.49
C VAL A 9 -26.02 -31.61 -3.95
N GLN A 10 -27.18 -31.44 -4.58
CA GLN A 10 -27.27 -31.13 -5.99
C GLN A 10 -27.32 -29.64 -6.34
N PHE A 11 -26.58 -29.38 -7.42
CA PHE A 11 -26.46 -28.06 -8.02
C PHE A 11 -26.52 -28.22 -9.53
N ASN A 12 -27.23 -27.28 -10.13
CA ASN A 12 -27.33 -27.16 -11.57
C ASN A 12 -26.61 -25.84 -11.92
N THR A 13 -25.70 -25.89 -12.89
CA THR A 13 -24.91 -24.73 -13.25
C THR A 13 -24.43 -24.75 -14.70
N ASP A 14 -24.26 -23.57 -15.29
CA ASP A 14 -23.78 -23.44 -16.65
C ASP A 14 -22.34 -22.91 -16.76
N GLU A 15 -21.90 -22.14 -15.76
CA GLU A 15 -20.56 -21.57 -15.73
C GLU A 15 -19.44 -22.60 -15.66
N ASP A 16 -18.43 -22.41 -16.52
CA ASP A 16 -17.26 -23.28 -16.46
C ASP A 16 -16.25 -22.57 -15.61
N THR A 17 -16.14 -23.12 -14.41
CA THR A 17 -15.26 -22.59 -13.38
C THR A 17 -14.71 -23.75 -12.54
N THR A 18 -13.74 -23.48 -11.64
CA THR A 18 -13.18 -24.56 -10.82
C THR A 18 -14.10 -24.94 -9.66
N ILE A 19 -13.78 -26.05 -9.00
CA ILE A 19 -14.56 -26.53 -7.88
C ILE A 19 -14.45 -25.56 -6.71
N LEU A 20 -13.26 -25.01 -6.44
CA LEU A 20 -13.07 -24.02 -5.37
C LEU A 20 -13.89 -22.75 -5.61
N LYS A 21 -13.88 -22.24 -6.86
CA LYS A 21 -14.64 -21.04 -7.22
C LYS A 21 -16.13 -21.23 -7.07
N PHE A 22 -16.70 -22.32 -7.61
CA PHE A 22 -18.12 -22.59 -7.47
C PHE A 22 -18.52 -22.86 -6.02
N ALA A 23 -17.68 -23.54 -5.23
CA ALA A 23 -17.94 -23.78 -3.82
C ALA A 23 -17.65 -22.60 -2.91
N ARG A 24 -17.14 -21.51 -3.51
CA ARG A 24 -16.86 -20.26 -2.83
C ARG A 24 -18.09 -19.37 -2.98
N ASP A 25 -18.68 -19.42 -4.17
CA ASP A 25 -19.89 -18.66 -4.47
C ASP A 25 -21.11 -19.24 -3.77
N ASN A 26 -21.23 -20.57 -3.74
CA ASN A 26 -22.30 -21.27 -3.03
C ASN A 26 -21.59 -21.68 -1.75
N ASN A 27 -21.85 -20.95 -0.66
CA ASN A 27 -21.18 -21.10 0.65
C ASN A 27 -20.93 -22.48 1.27
N ILE A 28 -19.95 -23.14 0.64
CA ILE A 28 -19.45 -24.46 0.99
C ILE A 28 -18.00 -24.26 1.47
N ASP A 29 -17.51 -25.13 2.35
CA ASP A 29 -16.19 -24.91 2.93
C ASP A 29 -14.95 -25.66 2.47
N ILE A 30 -14.55 -25.50 1.21
CA ILE A 30 -13.29 -26.07 0.75
C ILE A 30 -12.19 -25.13 1.24
N SER A 31 -11.12 -25.68 1.81
CA SER A 31 -10.04 -24.86 2.34
C SER A 31 -8.96 -24.63 1.30
N ALA A 32 -8.44 -23.42 1.14
CA ALA A 32 -7.38 -23.16 0.19
C ALA A 32 -6.17 -22.55 0.87
N LEU A 33 -4.97 -22.58 0.26
CA LEU A 33 -3.84 -21.89 0.85
C LEU A 33 -2.90 -21.30 -0.19
N CYS A 34 -2.26 -22.06 -1.08
CA CYS A 34 -1.38 -21.46 -2.07
C CYS A 34 -2.09 -20.77 -3.23
N PHE A 35 -3.42 -20.91 -3.35
CA PHE A 35 -4.21 -20.23 -4.37
C PHE A 35 -4.54 -18.80 -3.97
N LEU A 36 -4.08 -17.91 -4.84
CA LEU A 36 -4.32 -16.49 -4.72
C LEU A 36 -3.86 -15.83 -6.01
N ASN A 37 -4.53 -14.73 -6.39
CA ASN A 37 -4.24 -13.93 -7.57
C ASN A 37 -4.31 -14.77 -8.85
N ASN A 38 -5.44 -15.49 -8.91
CA ASN A 38 -5.79 -16.42 -9.98
C ASN A 38 -4.84 -17.56 -10.29
N CYS A 39 -3.94 -17.89 -9.34
CA CYS A 39 -2.92 -18.88 -9.61
C CYS A 39 -2.44 -19.58 -8.35
N ASN A 40 -2.19 -20.88 -8.42
CA ASN A 40 -1.61 -21.60 -7.29
C ASN A 40 -0.11 -21.77 -7.45
N ASN A 41 0.55 -22.50 -6.54
CA ASN A 41 1.97 -22.77 -6.69
C ASN A 41 2.01 -23.89 -7.71
N ASP A 42 2.29 -23.50 -8.97
CA ASP A 42 2.34 -24.42 -10.10
C ASP A 42 3.35 -25.53 -9.89
N ILE A 43 4.54 -25.13 -9.41
CA ILE A 43 5.58 -26.08 -9.00
C ILE A 43 5.35 -26.30 -7.52
N ASN A 44 5.13 -27.58 -7.16
CA ASN A 44 4.73 -28.08 -5.85
C ASN A 44 3.62 -27.32 -5.10
N LYS A 45 2.41 -27.70 -5.51
CA LYS A 45 1.15 -27.20 -4.95
C LYS A 45 0.93 -27.68 -3.52
N CYS A 46 0.20 -26.87 -2.73
CA CYS A 46 -0.04 -27.19 -1.33
C CYS A 46 -1.06 -28.26 -1.00
N GLU A 47 -2.06 -28.48 -1.88
CA GLU A 47 -3.13 -29.46 -1.73
C GLU A 47 -4.09 -29.31 -0.56
N ILE A 48 -4.15 -28.15 0.13
CA ILE A 48 -5.11 -27.93 1.21
C ILE A 48 -6.55 -27.91 0.67
N CYS A 49 -6.65 -27.72 -0.66
CA CYS A 49 -7.90 -27.68 -1.42
C CYS A 49 -8.28 -29.01 -2.06
N THR A 50 -7.62 -30.15 -1.69
CA THR A 50 -7.94 -31.44 -2.28
C THR A 50 -9.35 -31.91 -1.96
N VAL A 51 -9.96 -32.35 -3.06
CA VAL A 51 -11.27 -32.98 -3.07
C VAL A 51 -11.17 -34.31 -3.80
N GLU A 52 -12.23 -35.12 -3.65
CA GLU A 52 -12.30 -36.40 -4.31
C GLU A 52 -13.35 -36.34 -5.43
N VAL A 53 -12.95 -36.75 -6.65
CA VAL A 53 -13.86 -36.88 -7.78
C VAL A 53 -14.04 -38.37 -8.04
N GLU A 54 -15.29 -38.84 -7.99
CA GLU A 54 -15.63 -40.26 -8.13
C GLU A 54 -15.02 -40.96 -9.33
N GLY A 55 -14.20 -41.96 -9.03
CA GLY A 55 -13.51 -42.77 -10.04
C GLY A 55 -12.09 -42.30 -10.36
N THR A 56 -11.93 -40.97 -10.40
CA THR A 56 -10.66 -40.30 -10.68
C THR A 56 -9.76 -40.32 -9.44
N GLY A 57 -10.25 -39.83 -8.30
CA GLY A 57 -9.49 -39.80 -7.07
C GLY A 57 -9.38 -38.40 -6.50
N LEU A 58 -8.33 -38.22 -5.69
CA LEU A 58 -8.03 -36.94 -5.05
C LEU A 58 -7.32 -35.98 -5.99
N VAL A 59 -8.03 -34.87 -6.30
CA VAL A 59 -7.55 -33.79 -7.16
C VAL A 59 -7.53 -32.45 -6.43
N THR A 60 -6.78 -31.45 -6.90
CA THR A 60 -6.76 -30.13 -6.26
C THR A 60 -7.85 -29.23 -6.81
N ALA A 61 -8.84 -28.91 -5.95
CA ALA A 61 -9.99 -28.08 -6.32
C ALA A 61 -9.74 -26.67 -6.86
N CYS A 62 -8.62 -26.03 -6.50
CA CYS A 62 -8.36 -24.67 -6.96
C CYS A 62 -8.11 -24.55 -8.45
N ASP A 63 -7.85 -25.69 -9.13
CA ASP A 63 -7.64 -25.70 -10.56
C ASP A 63 -8.27 -26.89 -11.27
N THR A 64 -9.19 -27.63 -10.61
CA THR A 64 -9.93 -28.68 -11.28
C THR A 64 -11.27 -28.10 -11.68
N LEU A 65 -11.52 -28.00 -12.99
CA LEU A 65 -12.77 -27.47 -13.52
C LEU A 65 -13.91 -28.46 -13.37
N ILE A 66 -15.11 -27.93 -13.12
CA ILE A 66 -16.30 -28.76 -13.00
C ILE A 66 -16.80 -29.33 -14.32
N GLU A 67 -17.18 -30.60 -14.24
CA GLU A 67 -17.75 -31.34 -15.36
C GLU A 67 -19.15 -31.81 -15.01
N ASP A 68 -20.01 -31.84 -16.03
CA ASP A 68 -21.37 -32.37 -15.93
C ASP A 68 -21.33 -33.85 -15.55
N GLY A 69 -22.03 -34.13 -14.46
CA GLY A 69 -22.09 -35.48 -13.91
C GLY A 69 -21.02 -35.77 -12.86
N MET A 70 -20.61 -34.75 -12.08
CA MET A 70 -19.65 -34.95 -11.02
C MET A 70 -20.29 -35.17 -9.66
N ILE A 71 -19.58 -35.97 -8.85
CA ILE A 71 -19.88 -36.20 -7.45
C ILE A 71 -18.53 -35.98 -6.77
N ILE A 72 -18.57 -34.98 -5.87
CA ILE A 72 -17.38 -34.45 -5.20
C ILE A 72 -17.49 -34.61 -3.69
N ASN A 73 -16.36 -34.93 -3.05
CA ASN A 73 -16.31 -35.18 -1.61
C ASN A 73 -15.24 -34.26 -0.98
N THR A 74 -15.67 -33.33 -0.10
CA THR A 74 -14.79 -32.31 0.48
C THR A 74 -14.49 -32.44 1.97
N ASN A 75 -15.55 -32.73 2.76
CA ASN A 75 -15.46 -32.94 4.21
C ASN A 75 -15.30 -34.44 4.53
N SER A 76 -14.92 -35.18 3.47
CA SER A 76 -14.68 -36.62 3.45
C SER A 76 -13.68 -37.15 4.47
N ASP A 77 -13.44 -38.45 4.35
CA ASP A 77 -12.52 -39.14 5.22
C ASP A 77 -11.14 -39.15 4.58
N ALA A 78 -10.97 -39.80 3.42
CA ALA A 78 -9.70 -39.88 2.69
C ALA A 78 -9.11 -38.54 2.28
N VAL A 79 -10.01 -37.60 2.01
CA VAL A 79 -9.66 -36.23 1.67
C VAL A 79 -9.08 -35.49 2.87
N ASN A 80 -9.78 -35.47 4.03
CA ASN A 80 -9.30 -34.82 5.24
C ASN A 80 -8.02 -35.39 5.81
N GLU A 81 -7.73 -36.66 5.48
CA GLU A 81 -6.49 -37.29 5.87
C GLU A 81 -5.34 -36.74 5.03
N LYS A 82 -5.52 -36.64 3.70
CA LYS A 82 -4.51 -36.10 2.80
C LYS A 82 -4.20 -34.62 3.06
N ILE A 83 -5.20 -33.86 3.54
CA ILE A 83 -4.97 -32.45 3.84
C ILE A 83 -4.22 -32.30 5.16
N LYS A 84 -4.57 -33.02 6.25
CA LYS A 84 -3.83 -32.97 7.50
C LYS A 84 -2.40 -33.48 7.40
N SER A 85 -2.20 -34.41 6.46
CA SER A 85 -0.88 -34.91 6.14
C SER A 85 -0.03 -33.75 5.62
N ARG A 86 -0.63 -32.89 4.79
CA ARG A 86 0.04 -31.74 4.21
C ARG A 86 0.28 -30.60 5.19
N ILE A 87 -0.70 -30.43 6.07
CA ILE A 87 -0.63 -29.48 7.14
C ILE A 87 0.40 -29.86 8.21
N SER A 88 0.67 -31.17 8.43
CA SER A 88 1.68 -31.68 9.38
C SER A 88 2.99 -32.03 8.66
N GLN A 89 3.33 -31.12 7.77
CA GLN A 89 4.52 -31.16 6.97
C GLN A 89 4.97 -29.70 6.84
N LEU A 90 3.98 -28.79 6.91
CA LEU A 90 4.22 -27.36 6.90
C LEU A 90 4.32 -26.88 8.34
N LEU A 91 3.43 -27.44 9.17
CA LEU A 91 3.44 -27.31 10.61
C LEU A 91 4.34 -28.47 11.01
N ASP A 92 5.62 -28.09 10.89
CA ASP A 92 6.82 -28.90 11.09
C ASP A 92 8.04 -28.10 10.61
N ILE A 93 7.78 -27.00 9.89
CA ILE A 93 8.79 -26.03 9.51
C ILE A 93 8.30 -24.62 9.87
N HIS A 94 7.64 -24.61 11.03
CA HIS A 94 6.97 -23.45 11.58
C HIS A 94 6.97 -23.51 13.12
N GLU A 95 6.92 -22.41 13.90
CA GLU A 95 6.78 -22.55 15.34
C GLU A 95 5.52 -21.88 15.88
N PHE A 96 4.82 -22.56 16.82
CA PHE A 96 3.64 -22.11 17.56
C PHE A 96 4.05 -20.97 18.49
N LYS A 97 4.06 -19.81 17.84
CA LYS A 97 4.50 -18.59 18.47
C LYS A 97 3.44 -17.54 18.17
N CYS A 98 2.16 -17.89 18.31
CA CYS A 98 1.09 -16.97 17.94
C CYS A 98 1.06 -15.71 18.84
N GLY A 99 1.33 -15.79 20.13
CA GLY A 99 1.69 -14.62 20.92
C GLY A 99 3.19 -14.83 21.06
N PRO A 100 4.15 -13.98 20.66
CA PRO A 100 3.94 -12.65 20.11
C PRO A 100 4.06 -12.45 18.59
N CYS A 101 3.33 -13.22 17.80
CA CYS A 101 3.37 -13.10 16.34
C CYS A 101 2.57 -11.90 15.87
N ASN A 102 3.06 -11.15 14.87
CA ASN A 102 2.31 -10.02 14.37
C ASN A 102 1.08 -10.43 13.55
N ARG A 103 0.95 -11.73 13.26
CA ARG A 103 -0.19 -12.23 12.52
C ARG A 103 -1.18 -13.09 13.31
N ARG A 104 -1.10 -13.26 14.65
CA ARG A 104 -2.02 -14.12 15.40
C ARG A 104 -3.52 -13.86 15.34
N GLU A 105 -3.90 -12.58 15.32
CA GLU A 105 -5.31 -12.22 15.26
C GLU A 105 -5.96 -12.36 13.90
N ASN A 106 -5.16 -12.44 12.83
CA ASN A 106 -5.69 -12.63 11.49
C ASN A 106 -4.74 -13.50 10.70
N CYS A 107 -4.35 -14.68 11.22
CA CYS A 107 -3.33 -15.47 10.53
C CYS A 107 -3.73 -16.13 9.22
N GLU A 108 -4.36 -17.34 9.17
CA GLU A 108 -4.77 -18.10 7.98
C GLU A 108 -4.32 -19.54 8.17
N PHE A 109 -3.10 -19.69 8.73
CA PHE A 109 -2.55 -21.00 9.03
C PHE A 109 -3.08 -21.41 10.40
N LEU A 110 -3.10 -20.46 11.36
CA LEU A 110 -3.63 -20.66 12.70
C LEU A 110 -5.10 -21.07 12.66
N LYS A 111 -5.85 -20.56 11.69
CA LYS A 111 -7.25 -20.91 11.50
C LYS A 111 -7.41 -22.36 11.08
N LEU A 112 -6.51 -22.80 10.19
CA LEU A 112 -6.46 -24.16 9.68
C LEU A 112 -5.73 -25.14 10.59
N VAL A 113 -5.20 -24.64 11.71
CA VAL A 113 -4.58 -25.52 12.69
C VAL A 113 -5.76 -25.98 13.53
N ILE A 114 -6.51 -25.03 14.10
CA ILE A 114 -7.64 -25.37 14.97
C ILE A 114 -8.84 -25.97 14.21
N LYS A 115 -8.92 -25.77 12.88
CA LYS A 115 -10.00 -26.33 12.06
C LYS A 115 -9.79 -27.82 11.86
N TYR A 116 -8.57 -28.15 11.43
CA TYR A 116 -8.26 -29.53 11.19
C TYR A 116 -7.63 -30.27 12.36
N LYS A 117 -7.40 -29.56 13.48
CA LYS A 117 -6.75 -30.10 14.69
C LYS A 117 -5.43 -30.77 14.31
N ALA A 118 -4.74 -29.86 13.63
CA ALA A 118 -3.45 -30.03 13.01
C ALA A 118 -2.36 -30.12 14.03
N ARG A 119 -1.63 -31.22 13.92
CA ARG A 119 -0.58 -31.45 14.87
C ARG A 119 0.73 -31.76 14.18
N ALA A 120 1.77 -31.14 14.76
CA ALA A 120 3.14 -31.31 14.31
C ALA A 120 3.67 -32.69 14.71
N SER A 121 4.38 -33.39 13.82
CA SER A 121 4.98 -34.66 14.18
C SER A 121 6.13 -34.38 15.14
N LYS A 122 6.93 -33.36 14.78
CA LYS A 122 8.03 -32.88 15.60
C LYS A 122 7.96 -31.35 15.57
N PRO A 123 7.92 -30.65 16.71
CA PRO A 123 7.98 -29.19 16.76
C PRO A 123 9.31 -28.64 16.25
N PHE A 124 9.16 -27.72 15.29
CA PHE A 124 10.28 -27.02 14.69
C PHE A 124 10.70 -25.91 15.63
N LEU A 125 11.88 -26.15 16.20
CA LEU A 125 12.45 -25.25 17.19
C LEU A 125 13.91 -24.96 16.85
N PRO A 126 14.23 -24.06 15.90
CA PRO A 126 15.62 -23.75 15.53
C PRO A 126 16.37 -23.09 16.69
N LYS A 127 17.62 -23.49 16.97
CA LYS A 127 18.39 -22.89 18.05
C LYS A 127 18.80 -21.45 17.83
N ASP A 128 18.94 -21.16 16.55
CA ASP A 128 19.32 -19.85 16.11
C ASP A 128 18.54 -19.53 14.84
N LYS A 129 17.77 -18.44 14.93
CA LYS A 129 16.98 -17.96 13.81
C LYS A 129 17.75 -17.06 12.85
N THR A 130 19.02 -16.68 13.08
CA THR A 130 19.72 -15.76 12.16
C THR A 130 19.78 -16.15 10.68
N GLU A 131 19.93 -17.44 10.34
CA GLU A 131 19.99 -17.90 8.96
C GLU A 131 18.68 -17.68 8.21
N TYR A 132 17.59 -17.72 8.98
CA TYR A 132 16.22 -17.55 8.48
C TYR A 132 15.80 -16.10 8.37
N VAL A 133 16.44 -15.23 9.16
CA VAL A 133 16.05 -13.85 9.27
C VAL A 133 16.83 -12.89 8.38
N ASP A 134 16.06 -11.98 7.75
CA ASP A 134 16.62 -10.91 6.95
C ASP A 134 15.96 -9.59 7.35
N GLU A 135 16.76 -8.72 7.99
CA GLU A 135 16.35 -7.42 8.47
C GLU A 135 17.17 -6.30 7.81
N ARG A 136 17.93 -6.61 6.76
CA ARG A 136 18.79 -5.62 6.12
C ARG A 136 18.08 -4.51 5.38
N SER A 137 16.85 -4.75 4.93
CA SER A 137 16.06 -3.76 4.22
C SER A 137 15.41 -2.70 5.09
N LYS A 138 15.33 -1.51 4.52
CA LYS A 138 14.68 -0.37 5.14
C LYS A 138 13.15 -0.45 5.11
N SER A 139 12.63 -1.36 4.26
CA SER A 139 11.20 -1.54 4.03
C SER A 139 10.62 -2.91 4.35
N LEU A 140 11.32 -3.96 3.93
CA LEU A 140 10.88 -5.34 4.05
C LEU A 140 11.70 -6.19 5.01
N THR A 141 11.09 -7.05 5.82
CA THR A 141 11.84 -8.04 6.58
C THR A 141 11.28 -9.42 6.25
N VAL A 142 12.13 -10.45 6.42
CA VAL A 142 11.78 -11.84 6.17
C VAL A 142 12.13 -12.67 7.40
N ASP A 143 11.24 -13.59 7.81
CA ASP A 143 11.50 -14.56 8.86
C ASP A 143 11.08 -15.88 8.26
N ARG A 144 12.03 -16.60 7.67
CA ARG A 144 11.76 -17.87 7.02
C ARG A 144 11.39 -19.03 7.95
N THR A 145 11.45 -18.81 9.26
CA THR A 145 10.97 -19.77 10.26
C THR A 145 9.47 -19.90 10.12
N LYS A 146 8.82 -18.78 9.76
CA LYS A 146 7.40 -18.75 9.51
C LYS A 146 6.99 -19.05 8.07
N CYS A 147 7.92 -19.23 7.12
CA CYS A 147 7.57 -19.44 5.71
C CYS A 147 7.14 -20.84 5.35
N LEU A 148 5.93 -20.94 4.80
CA LEU A 148 5.47 -22.25 4.38
C LEU A 148 5.42 -22.36 2.85
N LEU A 149 6.41 -21.73 2.21
CA LEU A 149 6.57 -21.51 0.78
C LEU A 149 5.52 -21.98 -0.24
N CYS A 150 4.47 -21.20 -0.06
CA CYS A 150 3.25 -21.34 -0.84
C CYS A 150 3.33 -20.66 -2.19
N GLY A 151 4.32 -19.78 -2.36
CA GLY A 151 4.58 -19.05 -3.59
C GLY A 151 3.72 -17.82 -3.82
N ARG A 152 2.94 -17.39 -2.83
CA ARG A 152 2.03 -16.27 -3.03
C ARG A 152 2.70 -14.93 -3.21
N CYS A 153 3.84 -14.69 -2.56
CA CYS A 153 4.60 -13.47 -2.73
C CYS A 153 5.28 -13.40 -4.11
N VAL A 154 5.79 -14.53 -4.61
CA VAL A 154 6.40 -14.60 -5.93
C VAL A 154 5.34 -14.32 -7.01
N ASN A 155 4.14 -14.90 -6.86
CA ASN A 155 3.06 -14.68 -7.80
C ASN A 155 2.55 -13.26 -7.77
N ALA A 156 2.27 -12.73 -6.56
CA ALA A 156 1.82 -11.37 -6.39
C ALA A 156 2.81 -10.34 -6.91
N CYS A 157 4.11 -10.57 -6.71
CA CYS A 157 5.12 -9.68 -7.24
C CYS A 157 5.12 -9.72 -8.77
N GLY A 158 4.94 -10.90 -9.38
CA GLY A 158 4.87 -11.03 -10.83
C GLY A 158 3.62 -10.40 -11.43
N LYS A 159 2.44 -10.56 -10.84
CA LYS A 159 1.18 -9.99 -11.33
C LYS A 159 1.09 -8.48 -11.08
N ASN A 160 1.44 -8.03 -9.89
CA ASN A 160 1.38 -6.62 -9.53
C ASN A 160 2.47 -5.73 -10.10
N THR A 161 3.74 -6.18 -10.14
CA THR A 161 4.83 -5.31 -10.59
C THR A 161 5.51 -5.74 -11.88
N GLU A 162 5.40 -7.03 -12.23
CA GLU A 162 6.14 -7.65 -13.33
C GLU A 162 7.66 -7.47 -13.23
N THR A 163 8.20 -7.14 -12.04
CA THR A 163 9.63 -7.03 -11.86
C THR A 163 10.22 -8.40 -11.54
N TYR A 164 9.38 -9.28 -10.95
CA TYR A 164 9.78 -10.59 -10.47
C TYR A 164 10.97 -10.52 -9.52
N ALA A 165 10.94 -9.47 -8.69
CA ALA A 165 11.97 -9.21 -7.70
C ALA A 165 11.93 -10.20 -6.53
N MET A 166 10.75 -10.77 -6.23
CA MET A 166 10.63 -11.84 -5.24
C MET A 166 10.74 -13.12 -6.05
N LYS A 167 11.77 -13.89 -5.73
CA LYS A 167 12.08 -15.12 -6.45
C LYS A 167 12.19 -16.32 -5.54
N PHE A 168 12.06 -17.50 -6.16
CA PHE A 168 12.36 -18.77 -5.53
C PHE A 168 13.86 -18.90 -5.74
N LEU A 169 14.57 -19.13 -4.65
CA LEU A 169 16.00 -19.28 -4.68
C LEU A 169 16.39 -20.66 -4.17
N ASN A 170 17.57 -21.11 -4.62
CA ASN A 170 18.11 -22.36 -4.13
C ASN A 170 19.33 -22.03 -3.26
N LYS A 171 19.19 -22.41 -1.99
CA LYS A 171 20.19 -22.21 -0.98
C LYS A 171 20.53 -23.54 -0.30
N ASN A 172 21.69 -24.06 -0.72
CA ASN A 172 22.29 -25.31 -0.24
C ASN A 172 21.37 -26.52 -0.44
N GLY A 173 20.89 -26.64 -1.68
CA GLY A 173 20.00 -27.72 -2.07
C GLY A 173 18.56 -27.54 -1.62
N LYS A 174 18.27 -26.52 -0.80
CA LYS A 174 16.91 -26.25 -0.30
C LYS A 174 16.31 -25.01 -0.90
N THR A 175 14.98 -24.95 -0.96
CA THR A 175 14.30 -23.81 -1.56
C THR A 175 13.81 -22.82 -0.53
N ILE A 176 14.21 -21.57 -0.79
CA ILE A 176 13.76 -20.45 0.00
C ILE A 176 13.18 -19.37 -0.92
N ILE A 177 12.55 -18.33 -0.38
CA ILE A 177 12.20 -17.17 -1.19
C ILE A 177 13.08 -16.00 -0.77
N GLY A 178 13.29 -15.08 -1.71
CA GLY A 178 14.08 -13.90 -1.42
C GLY A 178 14.36 -13.14 -2.70
N ALA A 179 15.19 -12.10 -2.57
CA ALA A 179 15.60 -11.28 -3.69
C ALA A 179 16.63 -11.99 -4.54
N GLU A 180 16.93 -11.40 -5.70
CA GLU A 180 17.92 -11.94 -6.61
C GLU A 180 19.26 -12.07 -5.90
N ASP A 181 19.84 -13.27 -6.07
CA ASP A 181 21.12 -13.66 -5.49
C ASP A 181 21.18 -13.53 -3.98
N GLU A 182 19.98 -13.69 -3.39
CA GLU A 182 19.71 -13.55 -1.97
C GLU A 182 20.28 -12.26 -1.37
N LYS A 183 20.26 -11.21 -2.19
CA LYS A 183 20.72 -9.92 -1.72
C LYS A 183 19.60 -9.30 -0.89
N CYS A 184 19.95 -8.18 -0.28
CA CYS A 184 18.98 -7.34 0.40
C CYS A 184 18.09 -6.80 -0.71
N PHE A 185 16.78 -6.81 -0.50
CA PHE A 185 15.82 -6.32 -1.49
C PHE A 185 16.12 -4.94 -2.06
N ASP A 186 16.64 -4.07 -1.19
CA ASP A 186 16.98 -2.69 -1.51
C ASP A 186 18.05 -2.57 -2.58
N ASP A 187 18.94 -3.58 -2.62
CA ASP A 187 20.02 -3.61 -3.60
C ASP A 187 19.66 -4.35 -4.88
N THR A 188 18.38 -4.71 -5.04
CA THR A 188 17.92 -5.31 -6.27
C THR A 188 16.89 -4.37 -6.89
N ASN A 189 16.27 -4.80 -7.99
CA ASN A 189 15.25 -4.02 -8.69
C ASN A 189 13.87 -3.89 -8.02
N CYS A 190 13.77 -4.51 -6.84
CA CYS A 190 12.59 -4.44 -5.98
C CYS A 190 12.15 -3.01 -5.75
N LEU A 191 10.85 -2.75 -5.84
CA LEU A 191 10.30 -1.41 -5.63
C LEU A 191 9.94 -1.12 -4.18
N LEU A 192 10.04 -2.15 -3.35
CA LEU A 192 9.75 -2.14 -1.92
C LEU A 192 8.28 -1.77 -1.59
N CYS A 193 7.44 -2.05 -2.59
CA CYS A 193 6.01 -1.73 -2.56
C CYS A 193 5.23 -2.47 -1.50
N GLY A 194 5.65 -3.69 -1.19
CA GLY A 194 5.08 -4.48 -0.11
C GLY A 194 3.91 -5.35 -0.50
N GLN A 195 3.61 -5.50 -1.79
CA GLN A 195 2.52 -6.36 -2.22
C GLN A 195 2.76 -7.82 -1.94
N CYS A 196 4.03 -8.20 -1.73
CA CYS A 196 4.38 -9.54 -1.33
C CYS A 196 3.94 -9.80 0.11
N ILE A 197 4.04 -8.79 1.00
CA ILE A 197 3.57 -8.87 2.40
C ILE A 197 2.06 -9.08 2.40
N ILE A 198 1.35 -8.33 1.54
CA ILE A 198 -0.11 -8.38 1.40
C ILE A 198 -0.59 -9.75 0.93
N ALA A 199 0.21 -10.47 0.14
CA ALA A 199 -0.15 -11.82 -0.30
C ALA A 199 0.32 -12.91 0.67
N CYS A 200 1.17 -12.59 1.67
CA CYS A 200 1.65 -13.59 2.60
C CYS A 200 0.58 -13.99 3.62
N PRO A 201 0.27 -15.29 3.77
CA PRO A 201 -0.71 -15.81 4.73
C PRO A 201 -0.23 -15.88 6.18
N VAL A 202 1.08 -15.74 6.40
CA VAL A 202 1.68 -15.87 7.72
C VAL A 202 2.52 -14.64 8.07
N ALA A 203 3.32 -14.77 9.15
CA ALA A 203 4.24 -13.72 9.62
C ALA A 203 5.61 -13.67 8.93
N ALA A 204 5.86 -14.57 7.97
CA ALA A 204 7.13 -14.62 7.26
C ALA A 204 7.53 -13.31 6.61
N LEU A 205 6.67 -12.67 5.81
CA LEU A 205 7.01 -11.38 5.24
C LEU A 205 6.32 -10.30 6.03
N SER A 206 7.15 -9.31 6.36
CA SER A 206 6.69 -8.24 7.22
C SER A 206 7.36 -6.93 6.87
N GLU A 207 6.84 -5.84 7.42
CA GLU A 207 7.44 -4.52 7.23
C GLU A 207 8.59 -4.34 8.22
N LYS A 208 9.57 -3.52 7.85
CA LYS A 208 10.65 -3.17 8.76
C LYS A 208 10.03 -2.25 9.80
N SER A 209 10.06 -2.66 11.07
CA SER A 209 9.45 -1.86 12.12
C SER A 209 10.16 -0.56 12.38
N HIS A 210 9.36 0.49 12.56
CA HIS A 210 9.88 1.77 12.97
C HIS A 210 9.21 2.19 14.27
N MET A 211 8.57 1.30 15.03
CA MET A 211 7.97 1.78 16.26
C MET A 211 8.79 1.74 17.51
N ASP A 212 10.05 1.29 17.45
CA ASP A 212 10.98 1.49 18.55
C ASP A 212 11.52 2.91 18.44
N ARG A 213 11.64 3.43 17.21
CA ARG A 213 12.05 4.81 16.97
C ARG A 213 11.03 5.75 17.61
N VAL A 214 9.76 5.43 17.37
CA VAL A 214 8.62 6.17 17.88
C VAL A 214 8.52 6.11 19.40
N LYS A 215 8.59 4.93 20.04
CA LYS A 215 8.46 4.85 21.49
C LYS A 215 9.59 5.54 22.24
N ASN A 216 10.83 5.47 21.72
CA ASN A 216 11.97 6.15 22.30
C ASN A 216 11.82 7.65 22.18
N ALA A 217 11.21 8.15 21.09
CA ALA A 217 10.97 9.58 20.91
C ALA A 217 9.94 10.07 21.91
N LEU A 218 8.88 9.28 22.13
CA LEU A 218 7.82 9.59 23.07
C LEU A 218 8.30 9.60 24.52
N ASN A 219 9.29 8.76 24.83
CA ASN A 219 9.90 8.70 26.14
C ASN A 219 11.06 9.68 26.27
N ALA A 220 11.61 10.22 25.17
CA ALA A 220 12.71 11.15 25.27
C ALA A 220 12.28 12.54 25.73
N PRO A 221 12.72 13.01 26.91
CA PRO A 221 12.22 14.20 27.61
C PRO A 221 12.22 15.52 26.86
N GLU A 222 13.23 15.66 25.98
CA GLU A 222 13.44 16.86 25.19
C GLU A 222 12.72 16.90 23.86
N LYS A 223 12.38 15.70 23.36
CA LYS A 223 11.74 15.53 22.06
C LYS A 223 10.23 15.84 21.97
N HIS A 224 9.97 16.74 21.02
CA HIS A 224 8.65 17.20 20.64
C HIS A 224 8.22 16.41 19.40
N VAL A 225 7.38 15.41 19.64
CA VAL A 225 6.99 14.42 18.64
C VAL A 225 5.70 14.71 17.88
N ILE A 226 5.87 14.92 16.57
CA ILE A 226 4.79 15.22 15.65
C ILE A 226 4.35 13.97 14.89
N VAL A 227 3.03 13.72 14.71
CA VAL A 227 2.55 12.62 13.90
C VAL A 227 1.63 13.16 12.81
N ALA A 228 1.58 12.44 11.70
CA ALA A 228 0.72 12.82 10.59
C ALA A 228 0.42 11.58 9.81
N MET A 229 -0.86 11.41 9.51
CA MET A 229 -1.28 10.24 8.76
C MET A 229 -1.57 10.52 7.30
N ALA A 230 -1.26 9.50 6.51
CA ALA A 230 -1.50 9.45 5.07
C ALA A 230 -2.97 9.44 4.73
N PRO A 231 -3.43 9.89 3.55
CA PRO A 231 -4.84 9.77 3.14
C PRO A 231 -5.51 8.43 3.36
N SER A 232 -4.87 7.33 2.98
CA SER A 232 -5.47 6.01 3.06
C SER A 232 -5.68 5.40 4.43
N VAL A 233 -5.00 5.91 5.47
CA VAL A 233 -5.09 5.37 6.83
C VAL A 233 -6.50 5.50 7.40
N ARG A 234 -7.15 6.67 7.25
CA ARG A 234 -8.49 6.92 7.76
C ARG A 234 -9.60 6.15 7.06
N ALA A 235 -9.23 5.55 5.93
CA ALA A 235 -10.11 4.79 5.08
C ALA A 235 -9.96 3.29 5.27
N SER A 236 -9.01 2.87 6.13
CA SER A 236 -8.76 1.45 6.27
C SER A 236 -8.43 0.88 7.65
N ILE A 237 -7.87 1.64 8.59
CA ILE A 237 -7.45 1.05 9.86
C ILE A 237 -8.60 0.53 10.71
N GLY A 238 -9.80 1.08 10.52
CA GLY A 238 -11.00 0.61 11.21
C GLY A 238 -11.35 -0.85 10.90
N GLU A 239 -10.78 -1.43 9.84
CA GLU A 239 -10.95 -2.85 9.51
C GLU A 239 -10.29 -3.75 10.55
N LEU A 240 -9.23 -3.18 11.16
CA LEU A 240 -8.50 -3.86 12.20
C LEU A 240 -9.08 -3.67 13.59
N PHE A 241 -10.24 -3.03 13.67
CA PHE A 241 -10.97 -2.89 14.93
C PHE A 241 -12.41 -3.37 14.78
N ASN A 242 -12.61 -4.26 13.79
CA ASN A 242 -13.89 -4.89 13.46
C ASN A 242 -15.05 -3.93 13.26
N MET A 243 -14.68 -2.78 12.67
CA MET A 243 -15.64 -1.74 12.34
C MET A 243 -16.20 -1.91 10.94
N GLY A 244 -15.57 -2.77 10.14
CA GLY A 244 -15.98 -3.03 8.77
C GLY A 244 -15.10 -2.36 7.71
N PHE A 245 -15.67 -2.36 6.49
CA PHE A 245 -15.01 -1.81 5.31
C PHE A 245 -15.66 -0.52 4.85
N GLY A 246 -14.81 0.40 4.37
CA GLY A 246 -15.27 1.68 3.91
C GLY A 246 -15.72 2.58 5.05
N VAL A 247 -15.09 2.47 6.21
CA VAL A 247 -15.47 3.27 7.36
C VAL A 247 -14.45 4.40 7.56
N ASP A 248 -15.03 5.60 7.58
CA ASP A 248 -14.30 6.83 7.79
C ASP A 248 -14.01 6.97 9.28
N VAL A 249 -12.75 6.86 9.68
CA VAL A 249 -12.38 6.94 11.08
C VAL A 249 -11.40 8.07 11.42
N THR A 250 -11.35 9.12 10.57
CA THR A 250 -10.43 10.24 10.70
C THR A 250 -10.37 10.82 12.10
N GLY A 251 -11.55 11.20 12.64
CA GLY A 251 -11.68 11.81 13.94
C GLY A 251 -11.28 10.90 15.08
N LYS A 252 -11.57 9.60 14.99
CA LYS A 252 -11.14 8.64 16.01
C LYS A 252 -9.62 8.48 16.03
N ILE A 253 -8.94 8.57 14.87
CA ILE A 253 -7.49 8.42 14.81
C ILE A 253 -6.81 9.59 15.51
N TYR A 254 -7.26 10.84 15.27
CA TYR A 254 -6.71 12.00 15.95
C TYR A 254 -6.77 11.93 17.46
N THR A 255 -7.86 11.36 18.00
CA THR A 255 -8.02 11.16 19.43
C THR A 255 -7.06 10.11 19.96
N ALA A 256 -7.01 8.99 19.24
CA ALA A 256 -6.14 7.86 19.54
C ALA A 256 -4.69 8.26 19.59
N LEU A 257 -4.27 9.09 18.63
CA LEU A 257 -2.90 9.57 18.56
C LEU A 257 -2.55 10.47 19.74
N ARG A 258 -3.53 11.23 20.25
CA ARG A 258 -3.35 12.04 21.46
C ARG A 258 -3.24 11.14 22.69
N GLN A 259 -3.99 10.03 22.74
CA GLN A 259 -3.91 9.10 23.85
C GLN A 259 -2.61 8.31 23.85
N LEU A 260 -1.89 8.25 22.72
CA LEU A 260 -0.59 7.60 22.69
C LEU A 260 0.54 8.53 23.15
N GLY A 261 0.26 9.83 23.31
CA GLY A 261 1.26 10.76 23.84
C GLY A 261 1.94 11.65 22.79
N PHE A 262 1.42 11.73 21.56
CA PHE A 262 1.98 12.62 20.56
C PHE A 262 1.67 14.07 20.90
N ASP A 263 2.72 14.88 20.77
CA ASP A 263 2.62 16.30 21.04
C ASP A 263 1.82 17.06 20.00
N LYS A 264 2.00 16.84 18.70
CA LYS A 264 1.15 17.47 17.70
C LYS A 264 0.56 16.48 16.73
N ILE A 265 -0.74 16.62 16.51
CA ILE A 265 -1.50 15.78 15.60
C ILE A 265 -1.81 16.56 14.34
N PHE A 266 -0.95 16.31 13.37
CA PHE A 266 -1.11 16.89 12.05
C PHE A 266 -1.58 15.86 11.03
N ASP A 267 -1.40 16.15 9.74
CA ASP A 267 -1.88 15.28 8.67
C ASP A 267 -1.09 15.44 7.37
N ILE A 268 -0.74 14.31 6.76
CA ILE A 268 -0.03 14.28 5.48
C ILE A 268 -0.85 14.88 4.33
N ASN A 269 -2.18 14.96 4.43
CA ASN A 269 -3.00 15.61 3.41
C ASN A 269 -2.73 17.11 3.30
N PHE A 270 -2.19 17.72 4.36
CA PHE A 270 -1.72 19.09 4.33
C PHE A 270 -0.47 19.09 3.43
N GLY A 271 0.39 18.07 3.58
CA GLY A 271 1.59 17.93 2.75
C GLY A 271 1.23 17.60 1.31
N ALA A 272 0.07 16.98 1.09
CA ALA A 272 -0.45 16.68 -0.24
C ALA A 272 -0.91 17.95 -0.93
N ASP A 273 -1.48 18.91 -0.18
CA ASP A 273 -1.82 20.21 -0.73
C ASP A 273 -0.55 21.01 -1.06
N MET A 274 0.53 20.80 -0.29
CA MET A 274 1.85 21.39 -0.56
C MET A 274 2.49 20.84 -1.83
N THR A 275 2.43 19.50 -2.02
CA THR A 275 2.95 18.85 -3.22
C THR A 275 2.24 19.33 -4.46
N ILE A 276 0.91 19.49 -4.44
CA ILE A 276 0.18 20.03 -5.59
C ILE A 276 0.53 21.50 -5.78
N MET A 277 0.83 22.22 -4.68
CA MET A 277 1.23 23.61 -4.74
C MET A 277 2.48 23.80 -5.60
N GLU A 278 3.48 22.95 -5.35
CA GLU A 278 4.71 22.98 -6.13
C GLU A 278 4.57 22.35 -7.51
N GLU A 279 3.96 21.18 -7.60
CA GLU A 279 3.83 20.42 -8.85
C GLU A 279 2.89 20.98 -9.92
N ALA A 280 1.80 21.62 -9.52
CA ALA A 280 0.89 22.25 -10.45
C ALA A 280 1.55 23.53 -10.99
N THR A 281 2.43 24.20 -10.23
CA THR A 281 3.16 25.38 -10.71
C THR A 281 4.23 24.96 -11.70
N GLU A 282 4.88 23.82 -11.42
CA GLU A 282 5.89 23.27 -12.29
C GLU A 282 5.28 22.81 -13.61
N LEU A 283 4.06 22.26 -13.54
CA LEU A 283 3.37 21.83 -14.74
C LEU A 283 3.05 23.03 -15.61
N VAL A 284 2.55 24.13 -15.02
CA VAL A 284 2.27 25.38 -15.75
C VAL A 284 3.56 25.97 -16.31
N GLN A 285 4.69 25.83 -15.64
CA GLN A 285 5.98 26.28 -16.14
C GLN A 285 6.52 25.38 -17.25
N ARG A 286 6.18 24.08 -17.23
CA ARG A 286 6.58 23.17 -18.29
C ARG A 286 5.76 23.40 -19.55
N ILE A 287 4.45 23.66 -19.40
CA ILE A 287 3.56 23.99 -20.50
C ILE A 287 4.05 25.26 -21.20
N GLU A 288 4.79 26.12 -20.48
CA GLU A 288 5.48 27.25 -21.05
C GLU A 288 6.76 26.76 -21.78
N ASN A 289 6.34 26.42 -23.01
CA ASN A 289 7.04 25.81 -24.15
C ASN A 289 7.28 24.31 -24.17
N ASN A 290 8.09 23.71 -23.32
CA ASN A 290 8.32 22.28 -23.38
C ASN A 290 8.41 21.65 -22.01
N GLY A 291 9.24 22.20 -21.09
CA GLY A 291 9.38 21.64 -19.76
C GLY A 291 10.71 21.03 -19.42
N PRO A 292 10.97 19.75 -19.72
CA PRO A 292 10.37 18.97 -20.80
C PRO A 292 9.05 18.22 -20.58
N PHE A 293 8.63 17.50 -21.62
CA PHE A 293 7.45 16.65 -21.56
C PHE A 293 7.79 15.19 -21.82
N PRO A 294 7.14 14.23 -21.14
CA PRO A 294 6.15 14.49 -20.10
C PRO A 294 6.70 14.75 -18.70
N MET A 295 5.87 15.40 -17.89
CA MET A 295 6.17 15.51 -16.47
C MET A 295 5.53 14.26 -15.85
N PHE A 296 6.28 13.60 -14.97
CA PHE A 296 5.77 12.45 -14.25
C PHE A 296 5.60 12.77 -12.78
N THR A 297 4.68 12.12 -12.05
CA THR A 297 4.60 12.34 -10.60
C THR A 297 5.82 11.75 -9.89
N SER A 298 6.19 12.26 -8.72
CA SER A 298 7.35 11.74 -8.01
C SER A 298 7.06 11.37 -6.56
N CYS A 299 5.76 11.21 -6.25
CA CYS A 299 5.25 10.99 -4.91
C CYS A 299 5.09 9.55 -4.46
N CYS A 300 5.12 8.63 -5.43
CA CYS A 300 5.10 7.22 -5.10
C CYS A 300 6.54 6.73 -5.13
N PRO A 301 7.14 6.37 -3.97
CA PRO A 301 8.50 5.84 -3.88
C PRO A 301 8.72 4.49 -4.56
N GLY A 302 7.66 3.69 -4.70
CA GLY A 302 7.72 2.44 -5.47
C GLY A 302 8.02 2.74 -6.94
N TRP A 303 7.29 3.72 -7.49
CA TRP A 303 7.48 4.21 -8.85
C TRP A 303 8.83 4.87 -9.00
N VAL A 304 9.31 5.67 -8.04
CA VAL A 304 10.61 6.32 -8.21
C VAL A 304 11.68 5.27 -8.37
N ARG A 305 11.63 4.21 -7.56
CA ARG A 305 12.58 3.11 -7.68
C ARG A 305 12.42 2.37 -8.99
N GLN A 306 11.21 2.20 -9.50
CA GLN A 306 11.01 1.59 -10.82
C GLN A 306 11.64 2.39 -11.95
N ALA A 307 11.55 3.72 -11.83
CA ALA A 307 12.17 4.64 -12.76
C ALA A 307 13.69 4.54 -12.64
N GLU A 308 14.21 4.59 -11.41
CA GLU A 308 15.64 4.48 -11.17
C GLU A 308 16.26 3.20 -11.70
N ASN A 309 15.49 2.12 -11.58
CA ASN A 309 15.95 0.79 -11.94
C ASN A 309 15.67 0.34 -13.37
N TYR A 310 14.61 0.81 -14.02
CA TYR A 310 14.25 0.34 -15.36
C TYR A 310 14.18 1.42 -16.43
N TYR A 311 13.99 2.67 -16.00
CA TYR A 311 13.87 3.79 -16.90
C TYR A 311 14.64 5.00 -16.39
N PRO A 312 15.97 4.97 -16.17
CA PRO A 312 16.69 6.11 -15.60
C PRO A 312 16.65 7.35 -16.46
N GLU A 313 16.28 7.23 -17.73
CA GLU A 313 16.10 8.37 -18.63
C GLU A 313 14.89 9.25 -18.34
N LEU A 314 13.98 8.73 -17.52
CA LEU A 314 12.79 9.44 -17.10
C LEU A 314 12.97 10.21 -15.80
N LEU A 315 14.08 9.96 -15.09
CA LEU A 315 14.35 10.62 -13.81
C LEU A 315 14.44 12.14 -13.90
N ASN A 316 14.76 12.70 -15.06
CA ASN A 316 14.78 14.15 -15.28
C ASN A 316 13.41 14.78 -15.48
N ASN A 317 12.52 13.96 -16.06
CA ASN A 317 11.13 14.31 -16.33
C ASN A 317 10.24 14.24 -15.09
N LEU A 318 10.76 13.58 -14.03
CA LEU A 318 10.03 13.50 -12.77
C LEU A 318 9.95 14.87 -12.14
N SER A 319 8.78 15.13 -11.56
CA SER A 319 8.53 16.38 -10.87
C SER A 319 9.52 16.63 -9.73
N SER A 320 9.99 17.88 -9.64
CA SER A 320 10.93 18.29 -8.61
C SER A 320 10.27 18.31 -7.24
N ALA A 321 8.95 18.49 -7.14
CA ALA A 321 8.27 18.52 -5.84
C ALA A 321 8.48 17.25 -5.01
N LYS A 322 8.80 17.40 -3.73
CA LYS A 322 8.90 16.24 -2.84
C LYS A 322 7.54 15.58 -2.63
N SER A 323 7.52 14.30 -2.25
CA SER A 323 6.28 13.61 -1.93
C SER A 323 5.61 14.31 -0.75
N PRO A 324 4.29 14.20 -0.52
CA PRO A 324 3.63 14.73 0.67
C PRO A 324 4.31 14.45 2.00
N GLN A 325 4.81 13.22 2.18
CA GLN A 325 5.53 12.85 3.38
C GLN A 325 6.80 13.69 3.55
N GLN A 326 7.61 13.73 2.48
CA GLN A 326 8.88 14.43 2.55
C GLN A 326 8.74 15.93 2.58
N ILE A 327 7.77 16.50 1.85
CA ILE A 327 7.55 17.94 1.80
C ILE A 327 6.96 18.43 3.13
N PHE A 328 6.11 17.62 3.77
CA PHE A 328 5.58 17.91 5.09
C PHE A 328 6.71 17.85 6.10
N GLY A 329 7.55 16.83 5.95
CA GLY A 329 8.68 16.65 6.81
C GLY A 329 9.69 17.78 6.70
N THR A 330 9.92 18.35 5.52
CA THR A 330 10.87 19.45 5.38
C THR A 330 10.30 20.64 6.14
N ALA A 331 9.00 20.94 5.95
CA ALA A 331 8.31 21.99 6.67
C ALA A 331 8.20 21.75 8.18
N SER A 332 8.27 20.49 8.64
CA SER A 332 8.26 20.09 10.06
C SER A 332 9.44 20.58 10.90
N LYS A 333 10.57 20.74 10.22
CA LYS A 333 11.81 21.13 10.85
C LYS A 333 12.19 22.55 10.52
N THR A 334 11.36 23.23 9.72
CA THR A 334 11.64 24.60 9.34
C THR A 334 10.46 25.48 9.70
N TYR A 335 9.33 25.39 8.99
CA TYR A 335 8.18 26.20 9.28
C TYR A 335 7.59 25.91 10.66
N TYR A 336 7.38 24.65 11.03
CA TYR A 336 6.79 24.40 12.33
C TYR A 336 7.67 24.83 13.52
N PRO A 337 9.00 24.74 13.63
CA PRO A 337 9.77 25.41 14.69
C PRO A 337 9.63 26.92 14.78
N SER A 338 9.40 27.60 13.64
CA SER A 338 9.19 29.05 13.56
C SER A 338 8.06 29.51 14.47
N ILE A 339 6.84 29.01 14.19
CA ILE A 339 5.68 29.16 15.05
C ILE A 339 5.95 28.20 16.21
N SER A 340 5.49 28.26 17.47
CA SER A 340 5.94 27.34 18.55
C SER A 340 7.46 27.37 18.70
N GLY A 341 8.06 28.29 19.48
CA GLY A 341 9.51 28.51 19.50
C GLY A 341 10.36 27.37 20.03
N LEU A 342 10.51 26.38 19.16
CA LEU A 342 11.23 25.17 19.43
C LEU A 342 12.48 25.12 18.58
N ASP A 343 13.39 24.29 19.07
CA ASP A 343 14.60 24.06 18.32
C ASP A 343 14.32 22.92 17.36
N PRO A 344 14.56 23.07 16.05
CA PRO A 344 14.38 22.04 15.03
C PRO A 344 14.95 20.67 15.41
N LYS A 345 16.09 20.75 16.09
CA LYS A 345 16.83 19.62 16.62
C LYS A 345 16.01 18.69 17.53
N ASN A 346 15.12 19.30 18.33
CA ASN A 346 14.31 18.54 19.27
C ASN A 346 12.97 18.08 18.74
N VAL A 347 12.59 18.46 17.50
CA VAL A 347 11.37 17.97 16.87
C VAL A 347 11.67 16.60 16.23
N PHE A 348 10.73 15.66 16.41
CA PHE A 348 10.84 14.32 15.85
C PHE A 348 9.56 14.06 15.07
N THR A 349 9.64 13.77 13.77
CA THR A 349 8.46 13.60 12.92
C THR A 349 8.22 12.17 12.49
N VAL A 350 7.02 11.71 12.90
CA VAL A 350 6.47 10.39 12.64
C VAL A 350 5.33 10.47 11.61
N THR A 351 5.30 9.55 10.63
CA THR A 351 4.17 9.47 9.70
C THR A 351 3.55 8.09 9.74
N VAL A 352 2.24 8.02 9.50
CA VAL A 352 1.56 6.73 9.45
C VAL A 352 1.18 6.55 7.98
N MET A 353 1.71 5.50 7.37
CA MET A 353 1.54 5.25 5.94
C MET A 353 0.90 3.92 5.60
N PRO A 354 0.14 3.78 4.50
CA PRO A 354 -0.25 2.50 3.91
C PRO A 354 0.89 1.84 3.15
N CYS A 355 2.15 2.27 3.37
CA CYS A 355 3.26 1.88 2.54
C CYS A 355 4.53 1.50 3.29
N THR A 356 5.20 0.51 2.70
CA THR A 356 6.48 0.05 3.19
C THR A 356 7.61 0.76 2.47
N SER A 357 7.36 1.18 1.22
CA SER A 357 8.32 1.91 0.41
C SER A 357 8.62 3.30 0.96
N LYS A 358 7.65 3.89 1.68
CA LYS A 358 7.82 5.16 2.37
C LYS A 358 8.93 5.16 3.42
N LYS A 359 9.18 4.00 4.05
CA LYS A 359 10.27 3.85 5.01
C LYS A 359 11.63 3.98 4.34
N PHE A 360 11.77 3.49 3.09
CA PHE A 360 12.99 3.66 2.33
C PHE A 360 13.14 5.14 1.99
N GLU A 361 12.05 5.78 1.54
CA GLU A 361 12.07 7.17 1.16
C GLU A 361 12.51 8.11 2.27
N ALA A 362 11.90 7.95 3.45
CA ALA A 362 12.26 8.70 4.63
C ALA A 362 13.69 8.51 5.06
N ASP A 363 14.20 7.28 4.86
CA ASP A 363 15.55 6.92 5.24
C ASP A 363 16.60 7.19 4.17
N ARG A 364 16.21 7.76 3.02
CA ARG A 364 17.19 8.10 1.98
C ARG A 364 18.18 9.16 2.45
N PRO A 365 19.52 8.97 2.30
CA PRO A 365 20.58 9.83 2.81
C PRO A 365 20.42 11.34 2.74
N GLN A 366 20.05 11.79 1.54
CA GLN A 366 19.89 13.21 1.28
C GLN A 366 18.54 13.84 1.60
N MET A 367 17.59 13.09 2.19
CA MET A 367 16.30 13.62 2.64
C MET A 367 16.46 14.24 4.02
N GLU A 368 17.29 15.27 4.06
CA GLU A 368 17.63 15.98 5.29
C GLU A 368 18.31 17.31 4.97
N LYS A 369 18.32 18.17 5.97
CA LYS A 369 18.94 19.46 5.86
C LYS A 369 19.58 19.78 7.19
N ASP A 370 20.90 20.04 7.08
CA ASP A 370 21.78 20.38 8.19
C ASP A 370 21.73 19.37 9.34
N GLY A 371 21.70 18.09 8.96
CA GLY A 371 21.67 17.03 9.95
C GLY A 371 20.26 16.68 10.42
N LEU A 372 19.22 17.46 10.12
CA LEU A 372 17.88 17.13 10.54
C LEU A 372 17.12 16.43 9.42
N ARG A 373 16.65 15.21 9.76
CA ARG A 373 15.88 14.38 8.85
C ARG A 373 14.54 15.02 8.53
N ASP A 374 14.07 14.91 7.28
CA ASP A 374 12.74 15.39 6.91
C ASP A 374 11.73 14.63 7.76
N ILE A 375 11.78 13.30 7.63
CA ILE A 375 10.92 12.39 8.38
C ILE A 375 11.81 11.47 9.22
N ASP A 376 11.55 11.39 10.52
CA ASP A 376 12.36 10.56 11.39
C ASP A 376 11.88 9.13 11.52
N ALA A 377 10.60 8.86 11.26
CA ALA A 377 10.03 7.53 11.38
C ALA A 377 8.73 7.42 10.57
N VAL A 378 8.46 6.21 10.08
CA VAL A 378 7.28 5.91 9.30
C VAL A 378 6.77 4.59 9.84
N ILE A 379 5.63 4.59 10.50
CA ILE A 379 5.02 3.34 10.90
C ILE A 379 3.89 3.10 9.92
N THR A 380 3.59 1.83 9.59
CA THR A 380 2.48 1.53 8.69
C THR A 380 1.17 1.58 9.44
N THR A 381 0.09 1.33 8.69
CA THR A 381 -1.27 1.30 9.23
C THR A 381 -1.37 0.22 10.30
N ARG A 382 -0.78 -0.95 9.95
CA ARG A 382 -0.76 -2.10 10.84
C ARG A 382 0.03 -1.81 12.11
N GLU A 383 1.11 -1.03 12.04
CA GLU A 383 1.93 -0.67 13.19
C GLU A 383 1.25 0.31 14.13
N LEU A 384 0.52 1.30 13.59
CA LEU A 384 -0.27 2.19 14.42
C LEU A 384 -1.40 1.40 15.05
N ALA A 385 -1.96 0.42 14.34
CA ALA A 385 -3.02 -0.42 14.88
C ALA A 385 -2.56 -1.19 16.11
N LYS A 386 -1.32 -1.72 16.10
CA LYS A 386 -0.81 -2.42 17.25
C LYS A 386 -0.47 -1.45 18.38
N MET A 387 0.03 -0.25 18.08
CA MET A 387 0.30 0.74 19.12
C MET A 387 -0.89 1.11 20.00
N ILE A 388 -2.01 1.32 19.27
CA ILE A 388 -3.32 1.64 19.82
C ILE A 388 -3.80 0.47 20.68
N LYS A 389 -3.71 -0.76 20.15
CA LYS A 389 -4.13 -1.95 20.86
C LYS A 389 -3.31 -2.31 22.10
N ASP A 390 -1.97 -2.12 22.08
CA ASP A 390 -1.10 -2.40 23.22
C ASP A 390 -1.41 -1.47 24.39
N ALA A 391 -1.72 -0.21 24.04
CA ALA A 391 -2.14 0.81 24.99
C ALA A 391 -3.58 0.69 25.49
N LYS A 392 -4.32 -0.29 24.95
CA LYS A 392 -5.71 -0.58 25.28
C LYS A 392 -6.65 0.60 25.09
N ILE A 393 -6.35 1.49 24.15
CA ILE A 393 -7.24 2.60 23.94
C ILE A 393 -8.37 2.02 23.07
N PRO A 394 -9.63 2.21 23.46
CA PRO A 394 -10.80 1.63 22.82
C PRO A 394 -11.23 2.36 21.55
N PHE A 395 -10.54 2.08 20.42
CA PHE A 395 -10.74 2.79 19.16
C PHE A 395 -12.18 3.01 18.69
N ALA A 396 -13.00 1.95 18.61
CA ALA A 396 -14.34 2.06 18.10
C ALA A 396 -15.35 2.80 18.96
N LYS A 397 -15.05 2.96 20.25
CA LYS A 397 -15.91 3.70 21.17
C LYS A 397 -15.42 5.14 21.34
N LEU A 398 -14.27 5.51 20.76
CA LEU A 398 -13.69 6.85 20.88
C LEU A 398 -14.47 8.01 20.31
N GLU A 399 -14.36 9.13 21.02
CA GLU A 399 -14.95 10.37 20.57
C GLU A 399 -14.09 10.99 19.49
N ASP A 400 -14.69 11.82 18.62
CA ASP A 400 -13.95 12.45 17.55
C ASP A 400 -13.32 13.76 17.95
N SER A 401 -12.14 13.96 17.39
CA SER A 401 -11.41 15.19 17.56
C SER A 401 -10.82 15.58 16.22
N GLU A 402 -10.39 16.84 16.15
CA GLU A 402 -9.77 17.37 14.95
C GLU A 402 -8.26 17.46 15.11
N ALA A 403 -7.60 17.65 13.98
CA ALA A 403 -6.17 17.87 13.98
C ALA A 403 -5.84 19.30 14.38
N ASP A 404 -4.62 19.47 14.92
CA ASP A 404 -4.09 20.78 15.23
C ASP A 404 -3.87 21.49 13.88
N PRO A 405 -4.38 22.71 13.69
CA PRO A 405 -4.66 23.31 12.38
C PRO A 405 -3.49 23.65 11.48
N ALA A 406 -2.43 24.24 12.08
CA ALA A 406 -1.26 24.79 11.37
C ALA A 406 -0.63 23.93 10.28
N MET A 407 -0.59 22.62 10.52
CA MET A 407 -0.12 21.66 9.53
C MET A 407 -0.99 20.41 9.50
N GLY A 408 -2.27 20.60 9.87
CA GLY A 408 -3.23 19.51 9.91
C GLY A 408 -4.45 19.75 9.03
N GLU A 409 -4.71 20.97 8.54
CA GLU A 409 -5.86 21.23 7.68
C GLU A 409 -5.60 20.73 6.26
N TYR A 410 -6.66 20.24 5.60
CA TYR A 410 -6.58 19.82 4.22
C TYR A 410 -7.84 20.06 3.40
N SER A 411 -7.63 20.22 2.10
CA SER A 411 -8.70 20.39 1.13
C SER A 411 -9.10 19.04 0.53
N GLY A 412 -10.14 19.05 -0.30
CA GLY A 412 -10.64 17.86 -0.96
C GLY A 412 -9.67 17.29 -1.96
N ALA A 413 -8.90 18.14 -2.66
CA ALA A 413 -7.88 17.71 -3.61
C ALA A 413 -6.83 16.82 -2.94
N GLY A 414 -6.32 17.25 -1.78
CA GLY A 414 -5.34 16.46 -1.03
C GLY A 414 -5.91 15.16 -0.46
N ALA A 415 -7.22 15.15 -0.21
CA ALA A 415 -7.93 14.00 0.34
C ALA A 415 -8.03 12.77 -0.54
N ILE A 416 -8.16 12.97 -1.86
CA ILE A 416 -8.28 11.87 -2.83
C ILE A 416 -6.94 11.31 -3.30
N PHE A 417 -5.83 11.80 -2.73
CA PHE A 417 -4.49 11.34 -3.06
C PHE A 417 -4.24 9.84 -2.95
N GLY A 418 -4.86 9.19 -1.96
CA GLY A 418 -4.68 7.78 -1.70
C GLY A 418 -5.32 6.86 -2.73
N ALA A 419 -6.12 7.37 -3.67
CA ALA A 419 -6.67 6.56 -4.74
C ALA A 419 -5.97 6.86 -6.06
N THR A 420 -6.02 5.88 -6.98
CA THR A 420 -5.49 6.03 -8.33
C THR A 420 -6.29 7.09 -9.10
N GLY A 421 -5.54 8.02 -9.67
CA GLY A 421 -6.10 9.17 -10.36
C GLY A 421 -6.34 10.31 -9.39
N GLY A 422 -5.95 10.12 -8.11
CA GLY A 422 -6.19 11.11 -7.07
C GLY A 422 -5.27 12.32 -7.18
N VAL A 423 -3.98 12.04 -7.35
CA VAL A 423 -2.96 13.07 -7.53
C VAL A 423 -3.18 13.81 -8.86
N MET A 424 -3.63 13.09 -9.91
CA MET A 424 -3.93 13.68 -11.21
C MET A 424 -5.08 14.66 -11.11
N GLU A 425 -6.21 14.29 -10.50
CA GLU A 425 -7.36 15.20 -10.37
C GLU A 425 -7.03 16.42 -9.53
N ALA A 426 -6.35 16.23 -8.39
CA ALA A 426 -5.91 17.31 -7.52
C ALA A 426 -4.96 18.31 -8.18
N ALA A 427 -4.00 17.81 -8.96
CA ALA A 427 -3.06 18.65 -9.69
C ALA A 427 -3.72 19.46 -10.78
N LEU A 428 -4.67 18.86 -11.52
CA LEU A 428 -5.41 19.54 -12.58
C LEU A 428 -6.35 20.62 -12.05
N ARG A 429 -6.83 20.49 -10.81
CA ARG A 429 -7.65 21.53 -10.20
C ARG A 429 -6.85 22.80 -9.96
N SER A 430 -5.62 22.68 -9.45
CA SER A 430 -4.77 23.83 -9.25
C SER A 430 -4.05 24.25 -10.53
N ALA A 431 -3.71 23.33 -11.45
CA ALA A 431 -2.99 23.69 -12.66
C ALA A 431 -3.82 24.48 -13.67
N LYS A 432 -5.12 24.17 -13.80
CA LYS A 432 -5.99 24.90 -14.71
C LYS A 432 -6.36 26.25 -14.10
N ASP A 433 -6.43 26.33 -12.77
CA ASP A 433 -6.67 27.58 -12.07
C ASP A 433 -5.51 28.55 -12.21
N PHE A 434 -4.29 28.05 -12.03
CA PHE A 434 -3.07 28.84 -12.12
C PHE A 434 -2.77 29.35 -13.52
N ALA A 435 -2.86 28.45 -14.52
CA ALA A 435 -2.56 28.79 -15.90
C ALA A 435 -3.57 29.73 -16.58
N GLU A 436 -4.84 29.65 -16.17
CA GLU A 436 -5.85 30.55 -16.69
C GLU A 436 -6.10 31.75 -15.78
N ASN A 437 -5.53 31.75 -14.57
CA ASN A 437 -5.76 32.74 -13.53
C ASN A 437 -7.23 32.99 -13.26
N ALA A 438 -7.85 31.90 -12.82
CA ALA A 438 -9.27 31.90 -12.56
C ALA A 438 -9.62 30.94 -11.44
N GLU A 439 -10.82 31.10 -10.88
CA GLU A 439 -11.32 30.22 -9.85
C GLU A 439 -12.39 29.42 -10.56
N LEU A 440 -11.96 28.34 -11.26
CA LEU A 440 -12.87 27.51 -12.02
C LEU A 440 -13.79 26.66 -11.16
N GLU A 441 -15.05 26.57 -11.55
CA GLU A 441 -16.02 25.79 -10.80
C GLU A 441 -15.99 24.31 -11.14
N ASP A 442 -15.66 23.96 -12.39
CA ASP A 442 -15.63 22.55 -12.78
C ASP A 442 -14.29 21.92 -12.48
N ILE A 443 -14.37 21.16 -11.37
CA ILE A 443 -13.23 20.50 -10.76
C ILE A 443 -13.20 18.98 -10.85
N GLU A 444 -14.24 18.34 -11.37
CA GLU A 444 -14.27 16.88 -11.42
C GLU A 444 -13.72 16.29 -12.70
N TYR A 445 -12.71 15.46 -12.47
CA TYR A 445 -12.02 14.75 -13.53
C TYR A 445 -12.27 13.27 -13.31
N LYS A 446 -13.52 12.87 -13.54
CA LYS A 446 -14.00 11.50 -13.36
C LYS A 446 -13.45 10.45 -14.32
N GLN A 447 -12.92 10.94 -15.44
CA GLN A 447 -12.34 10.11 -16.48
C GLN A 447 -10.95 9.58 -16.16
N VAL A 448 -10.22 10.17 -15.18
CA VAL A 448 -8.94 9.61 -14.73
C VAL A 448 -9.12 8.79 -13.44
N ARG A 449 -10.38 8.67 -12.97
CA ARG A 449 -10.73 7.90 -11.79
C ARG A 449 -11.04 6.43 -12.09
N GLY A 450 -10.91 5.59 -11.05
CA GLY A 450 -11.27 4.20 -11.16
C GLY A 450 -10.14 3.21 -11.29
N LEU A 451 -10.60 1.96 -11.41
CA LEU A 451 -9.74 0.81 -11.39
C LEU A 451 -9.17 0.30 -12.71
N ASN A 452 -9.36 1.04 -13.80
CA ASN A 452 -8.72 0.64 -15.05
C ASN A 452 -7.20 0.78 -14.97
N GLY A 453 -6.48 -0.14 -15.61
CA GLY A 453 -5.03 -0.13 -15.58
C GLY A 453 -4.43 1.14 -16.16
N ILE A 454 -4.83 1.48 -17.39
CA ILE A 454 -4.34 2.69 -18.04
C ILE A 454 -5.51 3.52 -18.49
N LYS A 455 -5.52 4.72 -17.89
CA LYS A 455 -6.56 5.74 -18.05
C LYS A 455 -6.03 7.01 -18.66
N GLU A 456 -6.57 7.46 -19.78
CA GLU A 456 -6.12 8.71 -20.37
C GLU A 456 -7.26 9.70 -20.50
N ALA A 457 -6.85 10.96 -20.69
CA ALA A 457 -7.78 12.05 -20.83
C ALA A 457 -7.12 13.24 -21.50
N GLU A 458 -7.98 14.00 -22.14
CA GLU A 458 -7.57 15.22 -22.77
C GLU A 458 -8.19 16.34 -21.93
N VAL A 459 -7.33 17.19 -21.39
CA VAL A 459 -7.78 18.35 -20.62
C VAL A 459 -7.51 19.63 -21.41
N GLU A 460 -8.43 20.58 -21.31
CA GLU A 460 -8.28 21.85 -22.02
C GLU A 460 -7.78 22.88 -21.03
N ILE A 461 -6.63 23.52 -21.31
CA ILE A 461 -6.10 24.59 -20.47
C ILE A 461 -5.69 25.70 -21.43
N ASN A 462 -6.24 26.90 -21.14
CA ASN A 462 -6.11 28.12 -21.92
C ASN A 462 -6.38 27.89 -23.41
N ASN A 463 -7.54 27.24 -23.60
CA ASN A 463 -8.07 26.87 -24.92
C ASN A 463 -7.09 26.11 -25.82
N ASN A 464 -6.23 25.35 -25.12
CA ASN A 464 -5.22 24.50 -25.74
C ASN A 464 -5.44 23.10 -25.21
N LYS A 465 -5.12 22.06 -25.99
CA LYS A 465 -5.34 20.69 -25.58
C LYS A 465 -4.07 20.02 -25.07
N TYR A 466 -4.19 19.44 -23.87
CA TYR A 466 -3.10 18.70 -23.26
C TYR A 466 -3.61 17.31 -22.96
N ASN A 467 -2.65 16.39 -22.95
CA ASN A 467 -2.90 14.97 -22.76
C ASN A 467 -2.26 14.48 -21.48
N VAL A 468 -3.07 13.76 -20.71
CA VAL A 468 -2.65 13.24 -19.42
C VAL A 468 -3.03 11.77 -19.34
N ALA A 469 -2.22 11.03 -18.57
CA ALA A 469 -2.43 9.60 -18.34
C ALA A 469 -2.22 9.23 -16.88
N VAL A 470 -2.92 8.18 -16.44
CA VAL A 470 -2.81 7.69 -15.09
C VAL A 470 -2.51 6.21 -15.18
N ILE A 471 -1.35 5.86 -14.63
CA ILE A 471 -0.88 4.50 -14.64
C ILE A 471 -1.13 3.97 -13.25
N ASN A 472 -2.01 2.97 -13.28
CA ASN A 472 -2.50 2.31 -12.11
C ASN A 472 -1.75 1.02 -11.83
N GLY A 473 -0.64 1.04 -11.10
CA GLY A 473 0.13 -0.16 -10.81
C GLY A 473 1.36 -0.32 -11.69
N ALA A 474 2.44 -0.83 -11.10
CA ALA A 474 3.72 -0.95 -11.77
C ALA A 474 3.82 -1.85 -12.98
N SER A 475 2.96 -2.88 -13.03
CA SER A 475 2.91 -3.77 -14.18
C SER A 475 2.43 -3.03 -15.41
N ASN A 476 1.46 -2.12 -15.19
CA ASN A 476 0.91 -1.26 -16.23
C ASN A 476 1.87 -0.17 -16.70
N LEU A 477 2.87 0.21 -15.90
CA LEU A 477 3.88 1.16 -16.33
C LEU A 477 4.70 0.45 -17.39
N PHE A 478 5.09 -0.79 -17.08
CA PHE A 478 5.81 -1.64 -18.00
C PHE A 478 5.02 -1.85 -19.27
N LYS A 479 3.72 -2.15 -19.17
CA LYS A 479 2.87 -2.28 -20.34
C LYS A 479 2.84 -0.96 -21.12
N PHE A 480 2.69 0.19 -20.45
CA PHE A 480 2.62 1.50 -21.09
C PHE A 480 3.80 1.83 -22.01
N MET A 481 4.97 1.65 -21.41
CA MET A 481 6.24 1.91 -22.03
C MET A 481 6.63 0.92 -23.12
N LYS A 482 6.67 -0.37 -22.78
CA LYS A 482 7.04 -1.43 -23.70
C LYS A 482 6.16 -1.57 -24.95
N SER A 483 4.88 -1.26 -24.78
CA SER A 483 3.97 -1.30 -25.92
C SER A 483 4.08 -0.06 -26.80
N GLY A 484 4.76 1.00 -26.35
CA GLY A 484 4.87 2.21 -27.13
C GLY A 484 3.62 3.08 -27.04
N MET A 485 2.71 2.86 -26.07
CA MET A 485 1.53 3.71 -25.88
C MET A 485 1.93 5.15 -25.53
N ILE A 486 3.09 5.23 -24.86
CA ILE A 486 3.77 6.45 -24.46
C ILE A 486 4.06 7.38 -25.66
N ASN A 487 4.16 6.79 -26.87
CA ASN A 487 4.43 7.46 -28.13
C ASN A 487 3.26 7.64 -29.10
N GLU A 488 2.03 7.35 -28.68
CA GLU A 488 0.85 7.54 -29.53
C GLU A 488 0.37 8.99 -29.57
N LYS A 489 0.99 9.80 -28.73
CA LYS A 489 0.74 11.24 -28.62
C LYS A 489 1.77 11.80 -27.66
N GLN A 490 1.83 13.12 -27.64
CA GLN A 490 2.70 13.81 -26.71
C GLN A 490 1.95 13.96 -25.41
N TYR A 491 2.41 13.22 -24.41
CA TYR A 491 1.85 13.36 -23.07
C TYR A 491 2.53 14.53 -22.36
N HIS A 492 1.70 15.23 -21.60
CA HIS A 492 2.16 16.39 -20.88
C HIS A 492 2.32 16.09 -19.40
N PHE A 493 1.39 15.36 -18.78
CA PHE A 493 1.49 15.00 -17.37
C PHE A 493 1.04 13.54 -17.17
N ILE A 494 1.85 12.73 -16.47
CA ILE A 494 1.54 11.33 -16.19
C ILE A 494 1.70 11.01 -14.70
N GLU A 495 0.61 10.53 -14.09
CA GLU A 495 0.59 10.03 -12.72
C GLU A 495 0.92 8.54 -12.74
N VAL A 496 1.83 8.09 -11.88
CA VAL A 496 2.14 6.67 -11.77
C VAL A 496 2.08 6.27 -10.31
N MET A 497 1.31 5.22 -10.02
CA MET A 497 1.31 4.61 -8.70
C MET A 497 1.81 3.19 -8.88
N ALA A 498 2.57 2.67 -7.91
CA ALA A 498 3.09 1.31 -7.95
C ALA A 498 2.09 0.22 -7.53
N CYS A 499 1.11 0.58 -6.70
CA CYS A 499 0.13 -0.37 -6.23
C CYS A 499 -1.17 -0.15 -6.98
N HIS A 500 -1.76 -1.28 -7.41
CA HIS A 500 -3.02 -1.31 -8.15
C HIS A 500 -4.15 -0.89 -7.23
N GLY A 501 -4.86 0.14 -7.67
CA GLY A 501 -5.90 0.80 -6.88
C GLY A 501 -5.40 2.09 -6.20
N GLY A 502 -4.07 2.23 -6.19
CA GLY A 502 -3.40 3.34 -5.56
C GLY A 502 -2.94 2.96 -4.17
N CYS A 503 -2.68 4.00 -3.37
CA CYS A 503 -2.22 3.82 -2.00
C CYS A 503 -3.19 3.13 -1.06
N VAL A 504 -4.48 3.10 -1.41
CA VAL A 504 -5.44 2.39 -0.58
C VAL A 504 -5.17 0.89 -0.61
N ASN A 505 -4.49 0.40 -1.66
CA ASN A 505 -4.08 -0.99 -1.72
C ASN A 505 -2.55 -1.10 -1.51
N GLY A 506 -1.92 -0.15 -0.79
CA GLY A 506 -0.48 -0.16 -0.56
C GLY A 506 0.05 -1.34 0.27
N GLY A 507 1.37 -1.42 0.42
CA GLY A 507 2.01 -2.55 1.10
C GLY A 507 1.93 -2.63 2.62
N GLY A 508 1.68 -1.52 3.31
CA GLY A 508 1.54 -1.47 4.76
C GLY A 508 0.09 -1.51 5.25
N GLN A 509 -0.83 -1.88 4.36
CA GLN A 509 -2.26 -1.91 4.63
C GLN A 509 -2.76 -3.17 5.36
N PRO A 510 -3.95 -3.16 6.00
CA PRO A 510 -4.55 -4.32 6.62
C PRO A 510 -4.76 -5.48 5.67
N HIS A 511 -4.32 -6.66 6.11
CA HIS A 511 -4.60 -7.92 5.42
C HIS A 511 -6.10 -8.18 5.44
N VAL A 512 -6.71 -8.82 4.42
CA VAL A 512 -8.17 -8.92 4.40
C VAL A 512 -8.86 -10.25 4.77
N ASN A 513 -8.19 -11.42 4.62
CA ASN A 513 -8.74 -12.77 4.83
C ASN A 513 -9.55 -13.09 3.58
N PRO A 514 -9.14 -14.09 2.78
CA PRO A 514 -9.72 -14.39 1.45
C PRO A 514 -11.23 -14.59 1.31
N LYS A 515 -11.93 -14.89 2.41
CA LYS A 515 -13.40 -14.96 2.41
C LYS A 515 -13.99 -13.58 2.18
N ASP A 516 -13.46 -12.58 2.90
CA ASP A 516 -13.88 -11.18 2.76
C ASP A 516 -13.27 -10.54 1.52
N LEU A 517 -12.18 -11.13 1.01
CA LEU A 517 -11.53 -10.61 -0.18
C LEU A 517 -12.26 -11.01 -1.47
N GLU A 518 -13.14 -12.02 -1.38
CA GLU A 518 -13.92 -12.46 -2.53
C GLU A 518 -15.22 -11.65 -2.69
N LYS A 519 -15.76 -11.22 -1.54
CA LYS A 519 -17.03 -10.49 -1.47
C LYS A 519 -16.86 -8.97 -1.61
N VAL A 520 -15.78 -8.43 -1.05
CA VAL A 520 -15.51 -6.99 -1.03
C VAL A 520 -14.48 -6.56 -2.07
N ASP A 521 -14.84 -5.49 -2.79
CA ASP A 521 -13.93 -4.81 -3.68
C ASP A 521 -13.20 -3.76 -2.84
N ILE A 522 -12.07 -4.20 -2.29
CA ILE A 522 -11.23 -3.45 -1.35
C ILE A 522 -10.78 -2.08 -1.84
N LYS A 523 -10.31 -2.04 -3.08
CA LYS A 523 -9.80 -0.81 -3.69
C LYS A 523 -10.91 0.22 -3.87
N LYS A 524 -12.09 -0.24 -4.32
CA LYS A 524 -13.26 0.61 -4.50
C LYS A 524 -13.80 1.16 -3.19
N VAL A 525 -13.97 0.30 -2.17
CA VAL A 525 -14.56 0.72 -0.90
C VAL A 525 -13.62 1.53 0.00
N ARG A 526 -12.31 1.31 -0.06
CA ARG A 526 -11.39 2.14 0.72
C ARG A 526 -11.31 3.51 0.09
N ALA A 527 -11.28 3.56 -1.24
CA ALA A 527 -11.19 4.83 -1.94
C ALA A 527 -12.46 5.65 -1.85
N SER A 528 -13.64 5.03 -1.70
CA SER A 528 -14.89 5.78 -1.64
C SER A 528 -14.95 6.68 -0.41
N VAL A 529 -14.27 6.29 0.67
CA VAL A 529 -14.12 7.11 1.88
C VAL A 529 -13.47 8.44 1.54
N LEU A 530 -12.44 8.41 0.69
CA LEU A 530 -11.65 9.57 0.30
C LEU A 530 -12.39 10.51 -0.61
N TYR A 531 -13.04 9.95 -1.63
CA TYR A 531 -13.85 10.75 -2.54
C TYR A 531 -15.05 11.41 -1.86
N ASN A 532 -15.69 10.70 -0.92
CA ASN A 532 -16.80 11.23 -0.14
C ASN A 532 -16.33 12.35 0.74
N GLN A 533 -15.11 12.26 1.29
CA GLN A 533 -14.55 13.39 2.02
C GLN A 533 -14.40 14.60 1.10
N ASP A 534 -13.88 14.42 -0.13
CA ASP A 534 -13.73 15.50 -1.11
C ASP A 534 -15.06 16.19 -1.43
N GLU A 535 -16.12 15.40 -1.67
CA GLU A 535 -17.47 15.90 -1.95
C GLU A 535 -18.09 16.75 -0.87
N HIS A 536 -17.83 16.39 0.39
CA HIS A 536 -18.41 17.09 1.52
C HIS A 536 -17.51 18.18 2.07
N LEU A 537 -16.29 18.23 1.54
CA LEU A 537 -15.35 19.26 1.89
C LEU A 537 -15.77 20.56 1.22
N SER A 538 -15.61 21.67 1.95
CA SER A 538 -15.93 23.00 1.43
C SER A 538 -14.81 23.59 0.58
N LYS A 539 -13.55 23.29 0.91
CA LYS A 539 -12.39 23.67 0.11
C LYS A 539 -12.02 22.41 -0.68
N ARG A 540 -12.00 22.41 -2.02
CA ARG A 540 -11.60 21.21 -2.74
C ARG A 540 -10.43 21.46 -3.72
N LYS A 541 -9.68 22.52 -3.43
CA LYS A 541 -8.50 22.87 -4.19
C LYS A 541 -7.36 23.09 -3.18
N SER A 542 -6.20 22.52 -3.48
CA SER A 542 -5.04 22.63 -2.62
C SER A 542 -4.62 24.04 -2.31
N HIS A 543 -4.65 24.95 -3.29
CA HIS A 543 -4.24 26.32 -3.01
C HIS A 543 -5.25 27.12 -2.19
N GLU A 544 -6.44 26.58 -1.90
CA GLU A 544 -7.42 27.24 -1.07
C GLU A 544 -7.30 26.92 0.41
N ASN A 545 -6.46 25.95 0.78
CA ASN A 545 -6.23 25.54 2.16
C ASN A 545 -5.72 26.74 2.96
N THR A 546 -6.50 27.18 3.96
CA THR A 546 -6.19 28.37 4.74
C THR A 546 -4.87 28.30 5.53
N ALA A 547 -4.58 27.13 6.10
CA ALA A 547 -3.35 26.93 6.85
C ALA A 547 -2.10 26.86 5.96
N LEU A 548 -2.31 26.36 4.74
CA LEU A 548 -1.28 26.22 3.71
C LEU A 548 -0.94 27.59 3.16
N VAL A 549 -1.96 28.41 2.84
CA VAL A 549 -1.78 29.75 2.28
C VAL A 549 -0.98 30.65 3.21
N LYS A 550 -1.28 30.67 4.51
CA LYS A 550 -0.44 31.46 5.39
C LYS A 550 0.90 30.82 5.72
N MET A 551 1.22 29.52 5.48
CA MET A 551 2.61 29.07 5.66
C MET A 551 3.44 29.70 4.56
N TYR A 552 2.90 29.60 3.34
CA TYR A 552 3.55 30.12 2.16
C TYR A 552 3.64 31.63 2.19
N GLN A 553 2.71 32.38 2.78
CA GLN A 553 2.86 33.83 2.80
C GLN A 553 3.81 34.31 3.89
N ASN A 554 3.79 33.66 5.05
CA ASN A 554 4.62 34.06 6.16
C ASN A 554 6.01 33.39 6.22
N TYR A 555 6.24 32.32 5.44
CA TYR A 555 7.51 31.59 5.48
C TYR A 555 8.14 31.16 4.16
N PHE A 556 7.46 30.48 3.22
CA PHE A 556 8.12 30.02 2.00
C PHE A 556 8.13 30.96 0.80
N GLY A 557 7.11 31.81 0.74
CA GLY A 557 6.91 32.79 -0.32
C GLY A 557 6.81 32.18 -1.71
N LYS A 558 5.61 32.18 -2.31
CA LYS A 558 5.34 31.69 -3.68
C LYS A 558 5.89 30.34 -4.12
N PRO A 559 5.04 29.37 -4.45
CA PRO A 559 5.39 28.09 -5.05
C PRO A 559 6.35 28.08 -6.24
N GLY A 560 7.28 27.13 -6.15
CA GLY A 560 8.28 26.87 -7.17
C GLY A 560 9.40 27.91 -7.29
N GLU A 561 9.43 28.91 -6.40
CA GLU A 561 10.41 29.98 -6.47
C GLU A 561 11.11 30.23 -5.15
N GLY A 562 12.32 30.81 -5.24
CA GLY A 562 13.14 31.22 -4.10
C GLY A 562 13.30 30.16 -3.00
N ARG A 563 12.69 30.39 -1.82
CA ARG A 563 12.78 29.45 -0.72
C ARG A 563 12.01 28.14 -0.95
N ALA A 564 10.84 28.18 -1.62
CA ALA A 564 10.08 26.98 -1.91
C ALA A 564 10.79 26.07 -2.92
N HIS A 565 11.54 26.67 -3.86
CA HIS A 565 12.31 25.91 -4.83
C HIS A 565 13.54 25.30 -4.17
N GLU A 566 14.28 26.03 -3.33
CA GLU A 566 15.49 25.48 -2.73
C GLU A 566 15.26 24.31 -1.78
N ILE A 567 14.36 24.38 -0.79
CA ILE A 567 14.23 23.26 0.16
C ILE A 567 13.04 22.31 0.04
N LEU A 568 12.01 22.60 -0.76
CA LEU A 568 10.86 21.71 -0.86
C LEU A 568 10.86 20.78 -2.06
N HIS A 569 12.03 20.63 -2.69
CA HIS A 569 12.20 19.81 -3.89
C HIS A 569 13.31 18.78 -3.73
N PHE A 570 13.26 17.82 -4.65
CA PHE A 570 14.24 16.77 -4.71
C PHE A 570 14.28 16.22 -6.12
N LYS A 571 15.47 16.24 -6.73
CA LYS A 571 15.66 15.62 -8.02
C LYS A 571 16.54 14.40 -7.90
N TYR A 572 16.20 13.35 -8.65
CA TYR A 572 17.01 12.14 -8.65
C TYR A 572 17.91 12.17 -9.87
N LYS A 573 19.16 11.75 -9.67
CA LYS A 573 20.16 11.72 -10.75
C LYS A 573 20.69 10.33 -11.09
N LYS A 574 20.27 9.37 -10.27
CA LYS A 574 20.57 7.95 -10.42
C LYS A 574 19.53 7.12 -9.64
FE1 HC1 B . 0.12 7.69 -0.47
FE2 HC1 B . 0.93 10.15 -0.78
S1 HC1 B . -0.90 9.22 -1.86
S2 HC1 B . 1.97 8.36 -1.77
O1 HC1 B . 0.62 8.87 -4.02
O2 HC1 B . 1.38 11.51 -3.03
O3 HC1 B . 1.67 5.78 1.06
O4 HC1 B . -2.36 7.26 1.10
O5 HC1 B . 0.82 9.24 2.12
O6 HC1 B . 3.48 10.98 0.47
O7 HC1 B . -0.65 12.36 0.37
C3 HC1 B . 1.08 6.51 0.49
C4 HC1 B . -1.42 7.40 0.51
C5 HC1 B . 0.58 9.13 1.04
C6 HC1 B . 2.51 10.68 -0.02
C7 HC1 B . -0.05 11.53 -0.06
FE1 SF4 C . 3.47 3.26 -1.56
FE2 SF4 C . 1.96 1.80 -3.17
FE3 SF4 C . 3.30 3.90 -4.17
FE4 SF4 C . 1.22 4.31 -2.49
S1 SF4 C . 1.08 3.34 -4.62
S2 SF4 C . 3.25 5.37 -2.35
S3 SF4 C . 1.32 2.55 -1.04
S4 SF4 C . 4.26 2.00 -3.34
FE1 SF4 D . 6.98 -5.21 -4.39
FE2 SF4 D . 8.06 -7.48 -5.58
FE3 SF4 D . 7.72 -7.36 -2.89
FE4 SF4 D . 9.67 -5.94 -4.07
S1 SF4 D . 9.57 -8.25 -4.01
S2 SF4 D . 8.17 -5.19 -2.41
S3 SF4 D . 8.64 -5.27 -6.11
S4 SF4 D . 6.01 -7.32 -4.49
FE1 SF4 E . 4.78 -15.85 2.78
FE2 SF4 E . 4.16 -17.94 1.08
FE3 SF4 E . 6.61 -17.77 2.30
FE4 SF4 E . 5.96 -15.98 0.36
S1 SF4 E . 6.14 -18.20 -0.02
S2 SF4 E . 7.05 -15.49 2.38
S3 SF4 E . 3.71 -15.67 0.75
S4 SF4 E . 4.67 -18.14 3.36
FE1 SF4 F . 2.70 -19.16 12.57
FE2 SF4 F . 0.45 -17.80 12.16
FE3 SF4 F . 2.42 -16.67 13.55
FE4 SF4 F . 1.09 -18.65 14.68
S1 SF4 F . 0.19 -16.59 14.12
S2 SF4 F . 3.36 -18.45 14.64
S3 SF4 F . 0.57 -19.99 12.82
S4 SF4 F . 2.57 -17.19 11.32
FE1 FES G . -5.02 -25.73 -4.33
FE2 FES G . -2.76 -24.92 -3.05
S1 FES G . -2.93 -26.74 -4.48
S2 FES G . -4.87 -24.01 -2.80
#